data_1UDX
#
_entry.id   1UDX
#
_cell.length_a   65.332
_cell.length_b   65.332
_cell.length_c   201.709
_cell.angle_alpha   90.00
_cell.angle_beta   90.00
_cell.angle_gamma   120.00
#
_symmetry.space_group_name_H-M   'P 65'
#
loop_
_entity.id
_entity.type
_entity.pdbx_description
1 polymer 'the GTP-binding protein Obg'
2 non-polymer 'ACETATE ION'
3 non-polymer (4S)-2-METHYL-2,4-PENTANEDIOL
4 water water
#
_entity_poly.entity_id   1
_entity_poly.type   'polypeptide(L)'
_entity_poly.pdbx_seq_one_letter_code
;MFQDVLVITVAAGRGGDGAVSFRREKFVPKGGPDGGDGGRGGSVYLRARGSVDSLSRLSKRTYKAEDGEHGRGSQQHGRG
GEDLVIEVPRGTRVFDADTGELLADLTEEGQTVLVARGGAGGRGNMHFVSPTRQAPRFAEAGEEGEKRRLRLELMLIADV
GLVGYPNAGKSSLLAAMTRAHPKIAPYPFTTLSPNLGVVEVSEEERFTLADIPGIIEGASEGKGLGLEFLRHIARTRVLL
YVLDAADEPLKTLETLRKEVGAYDPALLRRPSLVALNKVDLLEEEAVKALADALAREGLAVLPVSALTGAGLPALKEALH
ALVRSTPPPEMPKPVPRKEVQAGVEVVPVAEGVYEVRAPEVERYLARIKGDLMEAAGYLQEVFRRQGVEAALRAKGVRAG
DLVRIGGLEFEYIPEV
;
_entity_poly.pdbx_strand_id   A
#
# COMPACT_ATOMS: atom_id res chain seq x y z
N MET A 1 -1.07 -8.94 -15.10
CA MET A 1 -1.38 -7.73 -14.31
C MET A 1 -2.58 -6.97 -14.87
N PHE A 2 -3.77 -7.35 -14.42
CA PHE A 2 -5.00 -6.70 -14.86
C PHE A 2 -5.15 -5.34 -14.20
N GLN A 3 -4.85 -5.27 -12.91
CA GLN A 3 -4.97 -4.03 -12.13
C GLN A 3 -3.64 -3.71 -11.45
N ASP A 4 -2.98 -2.64 -11.89
CA ASP A 4 -1.69 -2.25 -11.34
C ASP A 4 -1.76 -1.13 -10.30
N VAL A 5 -2.95 -0.57 -10.12
CA VAL A 5 -3.16 0.51 -9.15
C VAL A 5 -4.52 0.33 -8.50
N LEU A 6 -4.58 0.52 -7.18
CA LEU A 6 -5.84 0.37 -6.46
C LEU A 6 -5.82 1.00 -5.08
N VAL A 7 -6.96 1.52 -4.66
CA VAL A 7 -7.07 2.15 -3.33
C VAL A 7 -8.00 1.30 -2.49
N ILE A 8 -7.53 0.89 -1.32
CA ILE A 8 -8.38 0.10 -0.45
C ILE A 8 -8.50 0.78 0.90
N THR A 9 -9.49 0.35 1.68
CA THR A 9 -9.72 0.92 3.00
C THR A 9 -9.59 -0.18 4.04
N VAL A 10 -8.79 0.10 5.06
CA VAL A 10 -8.58 -0.89 6.11
C VAL A 10 -8.91 -0.29 7.48
N ALA A 11 -9.32 -1.15 8.40
CA ALA A 11 -9.67 -0.71 9.74
C ALA A 11 -9.34 -1.82 10.73
N ALA A 12 -8.44 -1.51 11.66
CA ALA A 12 -8.04 -2.48 12.68
C ALA A 12 -9.22 -2.68 13.62
N GLY A 13 -9.11 -3.65 14.50
CA GLY A 13 -10.18 -3.91 15.43
C GLY A 13 -10.11 -3.03 16.65
N ARG A 14 -11.29 -2.65 17.15
CA ARG A 14 -11.43 -1.84 18.35
C ARG A 14 -11.18 -2.79 19.52
N GLY A 15 -10.41 -2.35 20.50
CA GLY A 15 -10.16 -3.18 21.67
C GLY A 15 -11.46 -3.35 22.44
N GLY A 16 -11.52 -4.35 23.31
CA GLY A 16 -12.74 -4.57 24.08
C GLY A 16 -12.82 -3.69 25.32
N ASP A 17 -14.03 -3.29 25.68
CA ASP A 17 -14.23 -2.45 26.86
C ASP A 17 -13.91 -3.20 28.15
N GLY A 18 -13.33 -2.49 29.13
CA GLY A 18 -13.03 -3.10 30.40
C GLY A 18 -14.31 -3.20 31.22
N ALA A 19 -14.40 -4.18 32.11
CA ALA A 19 -15.63 -4.32 32.89
C ALA A 19 -15.62 -3.70 34.28
N VAL A 20 -16.78 -3.17 34.68
CA VAL A 20 -16.96 -2.61 36.01
C VAL A 20 -17.88 -3.62 36.66
N SER A 21 -17.31 -4.46 37.52
CA SER A 21 -18.07 -5.50 38.19
C SER A 21 -17.65 -5.67 39.64
N PHE A 22 -18.53 -6.26 40.45
CA PHE A 22 -18.26 -6.51 41.86
C PHE A 22 -18.79 -7.89 42.25
N ARG A 23 -18.03 -8.61 43.06
CA ARG A 23 -18.45 -9.94 43.52
C ARG A 23 -19.76 -9.80 44.29
N ARG A 24 -20.67 -10.76 44.13
CA ARG A 24 -21.95 -10.69 44.82
C ARG A 24 -22.31 -11.97 45.56
N GLU A 25 -22.25 -11.93 46.89
CA GLU A 25 -22.59 -13.09 47.72
C GLU A 25 -23.81 -12.78 48.58
N LYS A 26 -24.68 -13.77 48.73
CA LYS A 26 -25.92 -13.63 49.50
C LYS A 26 -25.78 -12.95 50.86
N PHE A 27 -24.59 -13.01 51.47
CA PHE A 27 -24.41 -12.38 52.77
C PHE A 27 -23.20 -11.45 52.85
N VAL A 28 -22.82 -10.88 51.71
CA VAL A 28 -21.70 -9.95 51.67
C VAL A 28 -22.18 -8.68 50.95
N PRO A 29 -22.69 -7.70 51.74
CA PRO A 29 -23.21 -6.41 51.27
C PRO A 29 -22.46 -5.77 50.10
N LYS A 30 -21.15 -5.99 50.03
CA LYS A 30 -20.35 -5.42 48.95
C LYS A 30 -18.99 -6.08 48.81
N GLY A 31 -18.87 -6.92 47.78
CA GLY A 31 -17.61 -7.60 47.52
C GLY A 31 -16.70 -6.69 46.74
N GLY A 32 -15.42 -7.03 46.67
CA GLY A 32 -14.47 -6.20 45.95
C GLY A 32 -14.68 -6.16 44.44
N PRO A 33 -13.88 -5.35 43.72
CA PRO A 33 -13.92 -5.18 42.27
C PRO A 33 -13.83 -6.52 41.55
N ASP A 34 -14.67 -6.72 40.55
CA ASP A 34 -14.73 -7.97 39.81
C ASP A 34 -14.43 -7.83 38.32
N GLY A 35 -14.46 -6.59 37.83
CA GLY A 35 -14.24 -6.32 36.42
C GLY A 35 -12.96 -6.77 35.75
N GLY A 36 -13.10 -7.47 34.63
CA GLY A 36 -11.95 -7.95 33.90
C GLY A 36 -11.58 -7.01 32.76
N ASP A 37 -10.40 -7.24 32.18
CA ASP A 37 -9.88 -6.42 31.08
C ASP A 37 -10.39 -6.85 29.71
N GLY A 38 -10.54 -5.88 28.82
CA GLY A 38 -11.00 -6.16 27.47
C GLY A 38 -9.85 -6.68 26.64
N GLY A 39 -10.16 -7.34 25.52
CA GLY A 39 -9.11 -7.87 24.68
C GLY A 39 -8.62 -6.89 23.63
N ARG A 40 -7.39 -7.09 23.17
CA ARG A 40 -6.81 -6.23 22.15
C ARG A 40 -7.47 -6.48 20.80
N GLY A 41 -7.67 -5.42 20.03
CA GLY A 41 -8.28 -5.57 18.72
C GLY A 41 -7.28 -6.15 17.73
N GLY A 42 -7.77 -6.84 16.71
CA GLY A 42 -6.87 -7.42 15.72
C GLY A 42 -6.25 -6.36 14.84
N SER A 43 -5.10 -6.65 14.27
CA SER A 43 -4.41 -5.71 13.39
C SER A 43 -4.54 -6.11 11.93
N VAL A 44 -4.30 -5.16 11.03
CA VAL A 44 -4.39 -5.43 9.59
C VAL A 44 -3.00 -5.40 8.99
N TYR A 45 -2.69 -6.40 8.18
CA TYR A 45 -1.38 -6.50 7.51
C TYR A 45 -1.52 -6.78 6.02
N LEU A 46 -0.49 -6.43 5.27
CA LEU A 46 -0.46 -6.72 3.85
C LEU A 46 0.72 -7.69 3.70
N ARG A 47 0.54 -8.71 2.88
CA ARG A 47 1.59 -9.71 2.67
C ARG A 47 1.74 -10.03 1.20
N ALA A 48 2.99 -10.00 0.73
CA ALA A 48 3.29 -10.28 -0.67
C ALA A 48 3.30 -11.79 -0.92
N ARG A 49 2.66 -12.20 -2.02
CA ARG A 49 2.61 -13.61 -2.41
C ARG A 49 2.83 -13.72 -3.92
N GLY A 50 3.82 -14.52 -4.29
CA GLY A 50 4.12 -14.71 -5.70
C GLY A 50 2.96 -15.22 -6.53
N SER A 51 2.00 -15.87 -5.87
CA SER A 51 0.84 -16.43 -6.56
C SER A 51 -0.18 -15.36 -6.97
N VAL A 52 -0.29 -14.29 -6.20
CA VAL A 52 -1.23 -13.21 -6.53
C VAL A 52 -0.61 -12.41 -7.69
N ASP A 53 -1.28 -12.39 -8.83
CA ASP A 53 -0.70 -11.70 -9.98
C ASP A 53 -0.91 -10.20 -10.06
N SER A 54 -2.10 -9.73 -9.72
CA SER A 54 -2.34 -8.30 -9.75
C SER A 54 -3.15 -7.88 -8.54
N LEU A 55 -3.70 -6.68 -8.60
CA LEU A 55 -4.52 -6.14 -7.53
C LEU A 55 -5.99 -6.35 -7.85
N SER A 56 -6.25 -6.98 -8.99
CA SER A 56 -7.60 -7.22 -9.48
C SER A 56 -8.58 -7.95 -8.58
N ARG A 57 -8.09 -8.80 -7.69
CA ARG A 57 -9.00 -9.55 -6.82
C ARG A 57 -9.20 -8.97 -5.43
N LEU A 58 -8.61 -7.83 -5.13
CA LEU A 58 -8.77 -7.27 -3.80
C LEU A 58 -10.22 -7.21 -3.35
N SER A 59 -10.72 -6.01 -3.10
CA SER A 59 -12.10 -5.90 -2.66
C SER A 59 -12.51 -4.45 -2.48
N LYS A 60 -13.82 -4.25 -2.54
CA LYS A 60 -14.39 -2.93 -2.39
C LYS A 60 -14.82 -2.73 -0.94
N ARG A 61 -15.20 -3.82 -0.27
CA ARG A 61 -15.60 -3.76 1.12
C ARG A 61 -14.39 -3.34 1.95
N THR A 62 -14.62 -2.57 3.01
CA THR A 62 -13.52 -2.14 3.88
C THR A 62 -12.98 -3.39 4.55
N TYR A 63 -11.66 -3.56 4.56
CA TYR A 63 -11.10 -4.73 5.23
C TYR A 63 -11.09 -4.41 6.73
N LYS A 64 -11.86 -5.18 7.50
CA LYS A 64 -11.96 -4.96 8.94
C LYS A 64 -11.46 -6.12 9.79
N ALA A 65 -10.47 -5.85 10.62
CA ALA A 65 -9.97 -6.89 11.51
C ALA A 65 -10.97 -7.02 12.65
N GLU A 66 -10.86 -8.09 13.41
CA GLU A 66 -11.78 -8.37 14.50
C GLU A 66 -11.55 -7.58 15.78
N ASP A 67 -12.65 -7.10 16.36
CA ASP A 67 -12.60 -6.36 17.61
C ASP A 67 -12.28 -7.29 18.76
N GLY A 68 -11.67 -6.75 19.81
CA GLY A 68 -11.37 -7.55 20.98
C GLY A 68 -12.67 -7.77 21.75
N GLU A 69 -12.70 -8.80 22.59
CA GLU A 69 -13.89 -9.09 23.37
C GLU A 69 -13.88 -8.30 24.66
N HIS A 70 -15.02 -7.75 25.06
CA HIS A 70 -15.11 -6.97 26.29
C HIS A 70 -14.77 -7.82 27.51
N GLY A 71 -14.26 -7.18 28.55
CA GLY A 71 -13.94 -7.91 29.77
C GLY A 71 -15.22 -8.28 30.48
N ARG A 72 -15.12 -9.20 31.44
CA ARG A 72 -16.29 -9.63 32.20
C ARG A 72 -15.98 -9.80 33.68
N GLY A 73 -17.00 -10.16 34.45
CA GLY A 73 -16.83 -10.36 35.88
C GLY A 73 -15.93 -11.55 36.17
N SER A 74 -15.84 -11.92 37.44
CA SER A 74 -15.02 -13.04 37.85
C SER A 74 -13.56 -12.88 37.43
N GLN A 75 -13.16 -11.64 37.12
CA GLN A 75 -11.79 -11.34 36.72
C GLN A 75 -11.49 -11.98 35.36
N GLN A 76 -12.52 -12.09 34.54
CA GLN A 76 -12.43 -12.69 33.21
C GLN A 76 -12.05 -11.70 32.10
N HIS A 77 -10.86 -11.90 31.53
CA HIS A 77 -10.37 -11.03 30.46
C HIS A 77 -10.86 -11.47 29.08
N GLY A 78 -11.38 -10.51 28.31
CA GLY A 78 -11.87 -10.80 26.97
C GLY A 78 -10.76 -11.23 26.03
N ARG A 79 -11.10 -12.04 25.04
CA ARG A 79 -10.10 -12.52 24.08
C ARG A 79 -9.79 -11.48 23.01
N GLY A 80 -8.55 -11.50 22.52
CA GLY A 80 -8.16 -10.56 21.50
C GLY A 80 -8.76 -10.92 20.15
N GLY A 81 -8.95 -9.92 19.30
CA GLY A 81 -9.50 -10.18 17.98
C GLY A 81 -8.42 -10.75 17.06
N GLU A 82 -8.83 -11.46 16.01
CA GLU A 82 -7.88 -12.04 15.07
C GLU A 82 -7.33 -10.97 14.15
N ASP A 83 -6.10 -11.18 13.67
CA ASP A 83 -5.49 -10.25 12.73
C ASP A 83 -6.11 -10.53 11.37
N LEU A 84 -5.96 -9.59 10.44
CA LEU A 84 -6.47 -9.74 9.10
C LEU A 84 -5.29 -9.49 8.16
N VAL A 85 -5.01 -10.47 7.31
CA VAL A 85 -3.91 -10.36 6.38
C VAL A 85 -4.43 -10.21 4.96
N ILE A 86 -4.01 -9.15 4.28
CA ILE A 86 -4.42 -8.91 2.90
C ILE A 86 -3.25 -9.28 1.99
N GLU A 87 -3.46 -10.26 1.12
CA GLU A 87 -2.40 -10.71 0.22
C GLU A 87 -2.35 -9.91 -1.07
N VAL A 88 -1.15 -9.47 -1.43
CA VAL A 88 -0.92 -8.69 -2.65
C VAL A 88 0.25 -9.32 -3.42
N PRO A 89 0.45 -8.92 -4.69
CA PRO A 89 1.55 -9.50 -5.48
C PRO A 89 2.91 -9.10 -4.93
N ARG A 90 3.94 -9.85 -5.32
CA ARG A 90 5.30 -9.48 -4.93
C ARG A 90 5.53 -8.27 -5.83
N GLY A 91 6.28 -7.29 -5.35
CA GLY A 91 6.52 -6.10 -6.15
C GLY A 91 5.35 -5.12 -6.07
N THR A 92 4.89 -4.88 -4.85
CA THR A 92 3.77 -3.98 -4.63
C THR A 92 4.20 -2.82 -3.73
N ARG A 93 3.92 -1.61 -4.19
CA ARG A 93 4.22 -0.39 -3.45
C ARG A 93 2.98 -0.06 -2.61
N VAL A 94 3.19 0.17 -1.32
CA VAL A 94 2.07 0.50 -0.42
C VAL A 94 2.13 1.95 0.06
N PHE A 95 1.21 2.78 -0.43
CA PHE A 95 1.16 4.19 -0.03
C PHE A 95 -0.12 4.54 0.73
N ASP A 96 -0.04 5.56 1.58
CA ASP A 96 -1.23 6.01 2.28
C ASP A 96 -1.95 6.78 1.18
N ALA A 97 -3.20 6.45 0.92
CA ALA A 97 -3.97 7.09 -0.14
C ALA A 97 -4.27 8.57 0.09
N ASP A 98 -3.97 9.07 1.28
CA ASP A 98 -4.21 10.47 1.60
C ASP A 98 -2.90 11.19 1.85
N THR A 99 -1.99 10.53 2.55
CA THR A 99 -0.70 11.11 2.90
C THR A 99 0.32 11.07 1.77
N GLY A 100 0.30 10.01 0.97
CA GLY A 100 1.26 9.91 -0.11
C GLY A 100 2.55 9.33 0.44
N GLU A 101 2.54 9.06 1.74
CA GLU A 101 3.70 8.48 2.41
C GLU A 101 3.88 7.03 1.99
N LEU A 102 5.14 6.62 1.83
CA LEU A 102 5.46 5.25 1.43
C LEU A 102 5.58 4.42 2.68
N LEU A 103 4.67 3.46 2.84
CA LEU A 103 4.69 2.59 4.01
C LEU A 103 5.65 1.45 3.76
N ALA A 104 5.67 0.95 2.53
CA ALA A 104 6.55 -0.16 2.21
C ALA A 104 6.54 -0.55 0.73
N ASP A 105 7.58 -1.31 0.38
CA ASP A 105 7.76 -1.86 -0.95
C ASP A 105 7.85 -3.36 -0.66
N LEU A 106 6.76 -4.08 -0.93
CA LEU A 106 6.71 -5.51 -0.68
C LEU A 106 7.21 -6.24 -1.94
N THR A 107 8.43 -6.75 -1.86
CA THR A 107 9.05 -7.41 -2.99
C THR A 107 9.36 -8.91 -2.83
N GLU A 108 9.55 -9.35 -1.59
CA GLU A 108 9.88 -10.75 -1.33
C GLU A 108 8.68 -11.63 -0.98
N GLU A 109 8.83 -12.93 -1.23
CA GLU A 109 7.76 -13.87 -0.93
C GLU A 109 7.44 -13.81 0.57
N GLY A 110 6.16 -13.63 0.88
CA GLY A 110 5.74 -13.59 2.27
C GLY A 110 6.13 -12.32 3.01
N GLN A 111 6.71 -11.34 2.32
CA GLN A 111 7.09 -10.10 2.99
C GLN A 111 5.82 -9.44 3.52
N THR A 112 5.85 -9.04 4.79
CA THR A 112 4.68 -8.44 5.45
C THR A 112 4.90 -7.05 6.03
N VAL A 113 3.82 -6.29 6.12
CA VAL A 113 3.87 -4.95 6.70
C VAL A 113 2.57 -4.65 7.45
N LEU A 114 2.72 -4.10 8.65
CA LEU A 114 1.56 -3.72 9.46
C LEU A 114 1.05 -2.38 8.91
N VAL A 115 -0.23 -2.31 8.59
CA VAL A 115 -0.81 -1.09 8.05
C VAL A 115 -1.88 -0.48 8.96
N ALA A 116 -2.29 -1.21 9.99
CA ALA A 116 -3.30 -0.69 10.92
C ALA A 116 -3.25 -1.48 12.22
N ARG A 117 -2.93 -0.78 13.30
CA ARG A 117 -2.82 -1.35 14.64
C ARG A 117 -4.16 -1.48 15.37
N GLY A 118 -4.46 -2.67 15.87
CA GLY A 118 -5.69 -2.86 16.61
C GLY A 118 -5.61 -2.11 17.93
N GLY A 119 -6.74 -1.61 18.41
CA GLY A 119 -6.75 -0.87 19.66
C GLY A 119 -6.57 -1.75 20.89
N ALA A 120 -5.96 -1.19 21.92
CA ALA A 120 -5.73 -1.93 23.14
C ALA A 120 -7.07 -2.13 23.84
N GLY A 121 -7.16 -3.20 24.62
CA GLY A 121 -8.39 -3.46 25.34
C GLY A 121 -8.40 -2.58 26.57
N GLY A 122 -9.59 -2.22 27.04
CA GLY A 122 -9.70 -1.37 28.21
C GLY A 122 -9.52 -2.13 29.51
N ARG A 123 -8.91 -1.48 30.50
CA ARG A 123 -8.68 -2.10 31.80
C ARG A 123 -9.99 -2.14 32.58
N GLY A 124 -10.17 -3.21 33.36
CA GLY A 124 -11.37 -3.35 34.17
C GLY A 124 -11.25 -2.55 35.47
N ASN A 125 -12.33 -2.46 36.23
CA ASN A 125 -12.30 -1.70 37.47
C ASN A 125 -11.31 -2.24 38.48
N MET A 126 -11.07 -3.55 38.44
CA MET A 126 -10.16 -4.20 39.35
C MET A 126 -8.75 -3.63 39.25
N HIS A 127 -8.44 -3.08 38.09
CA HIS A 127 -7.11 -2.51 37.82
C HIS A 127 -6.86 -1.17 38.50
N PHE A 128 -7.91 -0.48 38.91
CA PHE A 128 -7.75 0.82 39.54
C PHE A 128 -7.93 0.86 41.06
N VAL A 129 -7.89 -0.31 41.69
CA VAL A 129 -8.04 -0.37 43.14
C VAL A 129 -6.78 0.21 43.77
N SER A 130 -6.95 0.96 44.85
CA SER A 130 -5.84 1.57 45.57
C SER A 130 -6.27 1.83 47.01
N PRO A 131 -5.34 2.27 47.86
CA PRO A 131 -5.69 2.54 49.26
C PRO A 131 -6.99 3.35 49.38
N THR A 132 -7.13 4.37 48.53
CA THR A 132 -8.32 5.21 48.56
C THR A 132 -9.51 4.55 47.86
N ARG A 133 -9.24 3.80 46.79
CA ARG A 133 -10.31 3.13 46.05
C ARG A 133 -10.38 1.64 46.34
N GLN A 134 -11.29 1.27 47.23
CA GLN A 134 -11.46 -0.13 47.58
C GLN A 134 -12.26 -0.80 46.48
N ALA A 135 -13.30 -0.12 46.01
CA ALA A 135 -14.17 -0.66 44.96
C ALA A 135 -14.42 0.35 43.84
N PRO A 136 -13.47 0.49 42.91
CA PRO A 136 -13.61 1.42 41.77
C PRO A 136 -14.89 1.18 40.97
N ARG A 137 -15.55 2.27 40.59
CA ARG A 137 -16.78 2.18 39.81
C ARG A 137 -16.61 2.76 38.41
N PHE A 138 -15.37 2.75 37.92
CA PHE A 138 -15.08 3.24 36.59
C PHE A 138 -14.10 2.28 35.93
N ALA A 139 -13.94 2.41 34.62
CA ALA A 139 -13.03 1.55 33.89
C ALA A 139 -12.64 2.20 32.56
N GLU A 140 -11.88 1.47 31.74
CA GLU A 140 -11.46 1.98 30.44
C GLU A 140 -12.21 1.28 29.32
N ALA A 141 -12.73 2.08 28.39
CA ALA A 141 -13.41 1.52 27.24
C ALA A 141 -12.27 1.10 26.31
N GLY A 142 -12.55 0.21 25.37
CA GLY A 142 -11.52 -0.22 24.44
C GLY A 142 -11.05 0.89 23.52
N GLU A 143 -9.79 0.84 23.13
CA GLU A 143 -9.23 1.85 22.23
C GLU A 143 -9.66 1.54 20.80
N GLU A 144 -10.00 2.58 20.03
CA GLU A 144 -10.40 2.37 18.64
C GLU A 144 -9.19 1.93 17.82
N GLY A 145 -9.43 1.12 16.79
CA GLY A 145 -8.33 0.65 15.97
C GLY A 145 -7.99 1.66 14.89
N GLU A 146 -6.75 1.62 14.38
CA GLU A 146 -6.36 2.54 13.32
C GLU A 146 -7.17 2.28 12.07
N LYS A 147 -7.40 3.34 11.31
CA LYS A 147 -8.16 3.27 10.08
C LYS A 147 -7.46 4.17 9.07
N ARG A 148 -7.33 3.71 7.83
CA ARG A 148 -6.68 4.51 6.80
C ARG A 148 -6.99 3.96 5.42
N ARG A 149 -6.67 4.76 4.41
CA ARG A 149 -6.87 4.41 3.01
C ARG A 149 -5.50 4.09 2.44
N LEU A 150 -5.40 3.00 1.69
CA LEU A 150 -4.13 2.59 1.12
C LEU A 150 -4.14 2.61 -0.41
N ARG A 151 -3.14 3.24 -1.00
CA ARG A 151 -3.04 3.26 -2.45
C ARG A 151 -1.96 2.26 -2.83
N LEU A 152 -2.34 1.22 -3.56
CA LEU A 152 -1.40 0.19 -3.96
C LEU A 152 -1.06 0.34 -5.44
N GLU A 153 0.21 0.16 -5.77
CA GLU A 153 0.62 0.24 -7.16
C GLU A 153 1.71 -0.79 -7.44
N LEU A 154 1.53 -1.54 -8.52
CA LEU A 154 2.49 -2.57 -8.90
C LEU A 154 3.78 -1.96 -9.46
N MET A 155 4.91 -2.43 -8.96
CA MET A 155 6.22 -1.97 -9.39
C MET A 155 6.47 -2.45 -10.82
N LEU A 156 7.03 -1.56 -11.64
CA LEU A 156 7.32 -1.90 -13.02
C LEU A 156 8.74 -2.34 -13.20
N ILE A 157 9.02 -3.08 -14.28
CA ILE A 157 10.40 -3.47 -14.56
C ILE A 157 10.95 -2.46 -15.58
N ALA A 158 10.04 -1.78 -16.29
CA ALA A 158 10.40 -0.77 -17.30
C ALA A 158 9.13 -0.11 -17.82
N ASP A 159 9.29 1.00 -18.55
CA ASP A 159 8.14 1.69 -19.12
C ASP A 159 7.59 0.91 -20.28
N VAL A 160 8.48 0.34 -21.09
CA VAL A 160 8.07 -0.44 -22.26
C VAL A 160 8.64 -1.84 -22.19
N GLY A 161 7.81 -2.83 -22.46
CA GLY A 161 8.27 -4.21 -22.45
C GLY A 161 8.30 -4.77 -23.87
N LEU A 162 9.43 -5.34 -24.27
CA LEU A 162 9.57 -5.93 -25.60
C LEU A 162 8.93 -7.32 -25.58
N VAL A 163 8.14 -7.62 -26.61
CA VAL A 163 7.49 -8.91 -26.68
C VAL A 163 7.72 -9.57 -28.03
N GLY A 164 8.34 -10.74 -28.02
CA GLY A 164 8.59 -11.42 -29.27
C GLY A 164 9.43 -12.66 -29.12
N TYR A 165 9.53 -13.44 -30.20
CA TYR A 165 10.31 -14.66 -30.19
C TYR A 165 11.76 -14.35 -30.51
N PRO A 166 12.67 -15.29 -30.18
CA PRO A 166 14.10 -15.12 -30.43
C PRO A 166 14.46 -14.59 -31.82
N ASN A 167 13.69 -14.96 -32.84
CA ASN A 167 13.98 -14.51 -34.20
C ASN A 167 13.68 -13.04 -34.48
N ALA A 168 13.05 -12.36 -33.53
CA ALA A 168 12.68 -10.95 -33.73
C ALA A 168 13.85 -9.96 -33.66
N GLY A 169 14.96 -10.39 -33.07
CA GLY A 169 16.11 -9.50 -32.96
C GLY A 169 15.93 -8.43 -31.89
N LYS A 170 15.19 -8.76 -30.84
CA LYS A 170 14.92 -7.84 -29.74
C LYS A 170 16.16 -7.19 -29.11
N SER A 171 17.18 -7.98 -28.80
CA SER A 171 18.38 -7.42 -28.17
C SER A 171 19.13 -6.44 -29.07
N SER A 172 19.36 -6.81 -30.33
CA SER A 172 20.06 -5.93 -31.25
C SER A 172 19.26 -4.63 -31.44
N LEU A 173 17.94 -4.74 -31.49
CA LEU A 173 17.09 -3.56 -31.64
C LEU A 173 17.21 -2.64 -30.43
N LEU A 174 17.11 -3.23 -29.24
CA LEU A 174 17.20 -2.48 -28.00
C LEU A 174 18.56 -1.79 -27.90
N ALA A 175 19.60 -2.49 -28.29
CA ALA A 175 20.94 -1.92 -28.24
C ALA A 175 21.04 -0.70 -29.16
N ALA A 176 20.46 -0.81 -30.35
CA ALA A 176 20.49 0.28 -31.34
C ALA A 176 19.69 1.52 -30.93
N MET A 177 18.65 1.31 -30.14
CA MET A 177 17.79 2.40 -29.70
C MET A 177 18.31 3.16 -28.49
N THR A 178 19.22 2.54 -27.75
CA THR A 178 19.78 3.16 -26.55
C THR A 178 21.20 3.66 -26.78
N ARG A 179 21.59 4.69 -26.01
CA ARG A 179 22.93 5.25 -26.12
C ARG A 179 23.78 4.47 -25.14
N ALA A 180 23.48 4.62 -23.84
CA ALA A 180 24.21 3.89 -22.82
C ALA A 180 23.88 2.42 -23.03
N HIS A 181 24.84 1.54 -22.78
CA HIS A 181 24.62 0.11 -22.97
C HIS A 181 23.61 -0.47 -21.98
N PRO A 182 22.68 -1.30 -22.45
CA PRO A 182 21.65 -1.92 -21.59
C PRO A 182 22.29 -2.77 -20.50
N LYS A 183 21.65 -2.82 -19.34
CA LYS A 183 22.17 -3.58 -18.20
C LYS A 183 21.16 -4.57 -17.64
N ILE A 184 21.66 -5.65 -17.04
CA ILE A 184 20.77 -6.64 -16.45
C ILE A 184 20.25 -6.03 -15.16
N ALA A 185 18.94 -6.04 -14.99
CA ALA A 185 18.33 -5.48 -13.79
C ALA A 185 17.64 -6.57 -12.98
N PRO A 186 18.30 -7.08 -11.94
CA PRO A 186 17.72 -8.14 -11.11
C PRO A 186 16.86 -7.58 -9.97
N TYR A 187 15.62 -7.24 -10.28
CA TYR A 187 14.73 -6.69 -9.26
C TYR A 187 14.46 -7.72 -8.16
N PRO A 188 14.25 -7.26 -6.93
CA PRO A 188 13.97 -8.15 -5.79
C PRO A 188 12.63 -8.86 -5.93
N PHE A 189 11.77 -8.35 -6.79
CA PHE A 189 10.44 -8.93 -6.95
C PHE A 189 10.26 -9.80 -8.21
N THR A 190 11.33 -9.96 -8.99
CA THR A 190 11.28 -10.76 -10.21
C THR A 190 12.02 -12.09 -10.05
N THR A 191 11.68 -13.07 -10.88
CA THR A 191 12.35 -14.36 -10.86
C THR A 191 13.18 -14.48 -12.14
N LEU A 192 12.97 -13.56 -13.06
CA LEU A 192 13.73 -13.50 -14.33
C LEU A 192 14.29 -12.09 -14.42
N SER A 193 15.61 -11.96 -14.54
CA SER A 193 16.24 -10.66 -14.62
C SER A 193 16.20 -10.11 -16.04
N PRO A 194 15.51 -8.98 -16.23
CA PRO A 194 15.38 -8.35 -17.55
C PRO A 194 16.61 -7.53 -17.92
N ASN A 195 16.85 -7.39 -19.22
CA ASN A 195 17.94 -6.54 -19.68
C ASN A 195 17.23 -5.19 -19.82
N LEU A 196 17.77 -4.16 -19.16
CA LEU A 196 17.19 -2.82 -19.20
C LEU A 196 17.99 -1.82 -20.02
N GLY A 197 17.28 -1.01 -20.80
CA GLY A 197 17.92 0.00 -21.62
C GLY A 197 17.19 1.33 -21.50
N VAL A 198 17.93 2.43 -21.58
CA VAL A 198 17.33 3.75 -21.49
C VAL A 198 17.28 4.46 -22.84
N VAL A 199 16.12 4.98 -23.21
CA VAL A 199 15.98 5.66 -24.50
C VAL A 199 15.94 7.17 -24.35
N GLU A 200 16.86 7.85 -25.02
CA GLU A 200 16.92 9.30 -24.98
C GLU A 200 15.99 9.88 -26.04
N VAL A 201 15.05 10.74 -25.62
CA VAL A 201 14.10 11.34 -26.55
C VAL A 201 14.33 12.83 -26.78
N SER A 202 13.30 13.51 -27.27
CA SER A 202 13.36 14.94 -27.55
C SER A 202 12.92 15.84 -26.40
N GLU A 203 11.79 15.50 -25.79
CA GLU A 203 11.25 16.29 -24.68
C GLU A 203 12.14 16.31 -23.45
N GLU A 204 13.45 16.15 -23.66
CA GLU A 204 14.42 16.15 -22.57
C GLU A 204 14.10 15.01 -21.59
N GLU A 205 12.95 14.37 -21.81
CA GLU A 205 12.50 13.27 -20.97
C GLU A 205 13.23 12.01 -21.42
N ARG A 206 12.76 10.85 -20.95
CA ARG A 206 13.35 9.57 -21.33
C ARG A 206 12.53 8.42 -20.75
N PHE A 207 12.60 7.26 -21.40
CA PHE A 207 11.87 6.09 -20.93
C PHE A 207 12.77 4.85 -21.02
N THR A 208 12.38 3.79 -20.29
CA THR A 208 13.15 2.55 -20.27
C THR A 208 12.51 1.42 -21.06
N LEU A 209 13.34 0.52 -21.58
CA LEU A 209 12.85 -0.61 -22.37
C LEU A 209 13.34 -1.88 -21.70
N ALA A 210 12.50 -2.92 -21.71
CA ALA A 210 12.88 -4.19 -21.10
C ALA A 210 12.77 -5.35 -22.07
N ASP A 211 13.78 -6.21 -22.05
CA ASP A 211 13.82 -7.39 -22.88
C ASP A 211 14.28 -8.54 -22.00
N ILE A 212 13.60 -9.67 -22.10
CA ILE A 212 13.96 -10.85 -21.32
C ILE A 212 14.33 -11.95 -22.31
N PRO A 213 15.63 -12.05 -22.65
CA PRO A 213 16.19 -13.02 -23.59
C PRO A 213 16.04 -14.47 -23.12
N GLY A 214 15.87 -15.37 -24.06
CA GLY A 214 15.74 -16.77 -23.73
C GLY A 214 16.09 -17.69 -24.88
N ILE A 215 16.47 -18.92 -24.53
CA ILE A 215 16.80 -19.96 -25.50
C ILE A 215 15.57 -20.87 -25.42
N ILE A 216 14.63 -20.64 -26.34
CA ILE A 216 13.39 -21.39 -26.36
C ILE A 216 13.01 -21.83 -27.78
N GLU A 217 11.89 -22.53 -27.91
CA GLU A 217 11.43 -23.01 -29.21
C GLU A 217 10.77 -21.91 -30.02
N GLY A 218 10.85 -22.04 -31.34
CA GLY A 218 10.26 -21.07 -32.25
C GLY A 218 8.75 -21.07 -32.17
N ALA A 219 8.13 -20.00 -32.64
CA ALA A 219 6.69 -19.85 -32.62
C ALA A 219 5.99 -21.05 -33.24
N SER A 220 6.67 -21.67 -34.21
CA SER A 220 6.13 -22.82 -34.91
C SER A 220 5.79 -24.00 -34.00
N GLU A 221 6.59 -24.20 -32.97
CA GLU A 221 6.36 -25.31 -32.04
C GLU A 221 5.15 -25.11 -31.13
N GLY A 222 4.50 -23.95 -31.24
CA GLY A 222 3.32 -23.65 -30.46
C GLY A 222 3.40 -23.78 -28.93
N LYS A 223 4.54 -23.42 -28.35
CA LYS A 223 4.68 -23.49 -26.89
C LYS A 223 4.70 -22.11 -26.25
N GLY A 224 4.64 -21.07 -27.09
CA GLY A 224 4.63 -19.71 -26.60
C GLY A 224 5.84 -19.19 -25.83
N LEU A 225 5.72 -17.98 -25.31
CA LEU A 225 6.78 -17.36 -24.56
C LEU A 225 6.76 -17.82 -23.10
N GLY A 226 5.62 -18.36 -22.68
CA GLY A 226 5.48 -18.84 -21.32
C GLY A 226 4.81 -17.82 -20.39
N LEU A 227 4.15 -18.33 -19.36
CA LEU A 227 3.44 -17.48 -18.39
C LEU A 227 4.38 -16.65 -17.52
N GLU A 228 5.52 -17.22 -17.14
CA GLU A 228 6.47 -16.52 -16.30
C GLU A 228 6.96 -15.25 -16.98
N PHE A 229 7.24 -15.35 -18.27
CA PHE A 229 7.70 -14.20 -19.03
C PHE A 229 6.58 -13.16 -19.05
N LEU A 230 5.37 -13.61 -19.36
CA LEU A 230 4.24 -12.70 -19.45
C LEU A 230 3.96 -11.99 -18.14
N ARG A 231 4.09 -12.68 -17.03
CA ARG A 231 3.84 -12.05 -15.74
C ARG A 231 4.91 -10.98 -15.47
N HIS A 232 6.09 -11.15 -16.06
CA HIS A 232 7.15 -10.16 -15.91
C HIS A 232 6.90 -8.97 -16.84
N ILE A 233 6.59 -9.26 -18.11
CA ILE A 233 6.36 -8.22 -19.09
C ILE A 233 5.09 -7.42 -18.75
N ALA A 234 4.22 -8.00 -17.94
CA ALA A 234 2.99 -7.31 -17.53
C ALA A 234 3.34 -6.09 -16.69
N ARG A 235 4.52 -6.10 -16.09
CA ARG A 235 4.97 -4.98 -15.27
C ARG A 235 5.65 -3.87 -16.09
N THR A 236 4.94 -3.41 -17.12
CA THR A 236 5.41 -2.32 -17.98
C THR A 236 4.20 -1.44 -18.28
N ARG A 237 4.43 -0.28 -18.88
CA ARG A 237 3.34 0.65 -19.21
C ARG A 237 2.89 0.54 -20.65
N VAL A 238 3.80 0.08 -21.51
CA VAL A 238 3.52 -0.06 -22.93
C VAL A 238 4.22 -1.31 -23.48
N LEU A 239 3.55 -2.04 -24.36
CA LEU A 239 4.13 -3.23 -24.97
C LEU A 239 4.55 -2.97 -26.41
N LEU A 240 5.76 -3.39 -26.75
CA LEU A 240 6.25 -3.24 -28.11
C LEU A 240 6.42 -4.65 -28.69
N TYR A 241 5.59 -5.02 -29.65
CA TYR A 241 5.73 -6.32 -30.24
C TYR A 241 6.82 -6.19 -31.32
N VAL A 242 7.83 -7.05 -31.28
CA VAL A 242 8.91 -7.00 -32.26
C VAL A 242 8.79 -8.25 -33.13
N LEU A 243 8.90 -8.07 -34.44
CA LEU A 243 8.73 -9.18 -35.38
C LEU A 243 9.83 -9.32 -36.43
N ASP A 244 10.07 -10.56 -36.83
CA ASP A 244 11.05 -10.87 -37.87
C ASP A 244 10.24 -10.76 -39.17
N ALA A 245 10.50 -9.74 -39.96
CA ALA A 245 9.78 -9.52 -41.20
C ALA A 245 9.83 -10.66 -42.21
N ALA A 246 10.85 -11.51 -42.11
CA ALA A 246 11.00 -12.62 -43.04
C ALA A 246 10.59 -13.99 -42.52
N ASP A 247 9.73 -14.04 -41.49
CA ASP A 247 9.32 -15.33 -40.95
C ASP A 247 7.89 -15.32 -40.39
N GLU A 248 6.91 -15.42 -41.28
CA GLU A 248 5.51 -15.43 -40.87
C GLU A 248 5.17 -14.29 -39.92
N PRO A 249 5.49 -13.04 -40.30
CA PRO A 249 5.22 -11.86 -39.47
C PRO A 249 3.79 -11.79 -38.98
N LEU A 250 2.84 -11.96 -39.91
CA LEU A 250 1.41 -11.90 -39.59
C LEU A 250 0.99 -12.98 -38.60
N LYS A 251 1.30 -14.24 -38.91
CA LYS A 251 0.94 -15.34 -38.03
C LYS A 251 1.65 -15.26 -36.69
N THR A 252 2.86 -14.72 -36.69
CA THR A 252 3.61 -14.62 -35.44
C THR A 252 2.96 -13.60 -34.50
N LEU A 253 2.52 -12.47 -35.07
CA LEU A 253 1.87 -11.43 -34.30
C LEU A 253 0.56 -11.95 -33.71
N GLU A 254 -0.22 -12.65 -34.52
CA GLU A 254 -1.48 -13.21 -34.04
C GLU A 254 -1.20 -14.20 -32.91
N THR A 255 -0.13 -14.97 -33.05
CA THR A 255 0.23 -15.93 -32.03
C THR A 255 0.65 -15.23 -30.75
N LEU A 256 1.35 -14.11 -30.89
CA LEU A 256 1.79 -13.35 -29.73
C LEU A 256 0.59 -12.71 -29.01
N ARG A 257 -0.22 -11.97 -29.76
CA ARG A 257 -1.38 -11.29 -29.18
C ARG A 257 -2.33 -12.30 -28.51
N LYS A 258 -2.52 -13.43 -29.17
CA LYS A 258 -3.38 -14.50 -28.67
C LYS A 258 -2.90 -15.03 -27.32
N GLU A 259 -1.59 -15.19 -27.17
CA GLU A 259 -1.05 -15.68 -25.92
C GLU A 259 -1.12 -14.62 -24.83
N VAL A 260 -0.87 -13.37 -25.21
CA VAL A 260 -0.91 -12.27 -24.25
C VAL A 260 -2.36 -12.14 -23.75
N GLY A 261 -3.32 -12.26 -24.68
CA GLY A 261 -4.72 -12.15 -24.33
C GLY A 261 -5.20 -13.29 -23.45
N ALA A 262 -4.78 -14.51 -23.75
CA ALA A 262 -5.16 -15.68 -22.98
C ALA A 262 -4.71 -15.51 -21.53
N TYR A 263 -3.60 -14.80 -21.34
CA TYR A 263 -3.09 -14.56 -20.01
C TYR A 263 -3.90 -13.50 -19.28
N ASP A 264 -4.22 -12.43 -20.00
CA ASP A 264 -5.01 -11.34 -19.44
C ASP A 264 -5.47 -10.41 -20.55
N PRO A 265 -6.77 -10.45 -20.88
CA PRO A 265 -7.38 -9.62 -21.92
C PRO A 265 -7.02 -8.14 -21.84
N ALA A 266 -6.77 -7.66 -20.63
CA ALA A 266 -6.43 -6.26 -20.42
C ALA A 266 -5.10 -5.88 -21.04
N LEU A 267 -4.20 -6.85 -21.16
CA LEU A 267 -2.88 -6.60 -21.75
C LEU A 267 -3.01 -6.20 -23.21
N LEU A 268 -4.03 -6.68 -23.89
CA LEU A 268 -4.24 -6.34 -25.29
C LEU A 268 -4.73 -4.91 -25.43
N ARG A 269 -5.38 -4.40 -24.39
CA ARG A 269 -5.91 -3.04 -24.39
C ARG A 269 -4.83 -2.02 -24.04
N ARG A 270 -3.77 -2.48 -23.38
CA ARG A 270 -2.68 -1.59 -23.01
C ARG A 270 -2.08 -0.97 -24.27
N PRO A 271 -1.66 0.30 -24.20
CA PRO A 271 -1.06 0.95 -25.36
C PRO A 271 0.06 0.07 -25.91
N SER A 272 -0.05 -0.30 -27.17
CA SER A 272 0.94 -1.16 -27.80
C SER A 272 1.36 -0.67 -29.18
N LEU A 273 2.46 -1.21 -29.66
CA LEU A 273 2.99 -0.84 -30.96
C LEU A 273 3.69 -2.07 -31.53
N VAL A 274 3.90 -2.09 -32.84
CA VAL A 274 4.60 -3.22 -33.46
C VAL A 274 5.83 -2.70 -34.20
N ALA A 275 6.97 -3.32 -33.91
CA ALA A 275 8.21 -2.95 -34.59
C ALA A 275 8.54 -4.05 -35.57
N LEU A 276 8.44 -3.74 -36.86
CA LEU A 276 8.74 -4.71 -37.92
C LEU A 276 10.24 -4.69 -38.18
N ASN A 277 10.92 -5.71 -37.70
CA ASN A 277 12.37 -5.81 -37.81
C ASN A 277 12.88 -6.71 -38.95
N LYS A 278 14.18 -6.66 -39.18
CA LYS A 278 14.83 -7.44 -40.22
C LYS A 278 14.23 -7.25 -41.62
N VAL A 279 14.15 -6.00 -42.03
CA VAL A 279 13.60 -5.63 -43.33
C VAL A 279 14.68 -5.08 -44.25
N ASP A 280 15.93 -5.21 -43.83
CA ASP A 280 17.07 -4.70 -44.59
C ASP A 280 17.20 -5.18 -46.03
N LEU A 281 16.83 -6.43 -46.29
CA LEU A 281 16.94 -6.98 -47.64
C LEU A 281 15.60 -6.98 -48.40
N LEU A 282 14.60 -6.30 -47.86
CA LEU A 282 13.31 -6.25 -48.52
C LEU A 282 13.15 -4.98 -49.35
N GLU A 283 12.43 -5.08 -50.46
CA GLU A 283 12.17 -3.92 -51.29
C GLU A 283 11.21 -3.06 -50.48
N GLU A 284 11.26 -1.75 -50.68
CA GLU A 284 10.38 -0.83 -49.95
C GLU A 284 8.93 -1.25 -50.09
N GLU A 285 8.53 -1.63 -51.31
CA GLU A 285 7.14 -2.03 -51.56
C GLU A 285 6.75 -3.25 -50.76
N ALA A 286 7.70 -4.16 -50.52
CA ALA A 286 7.43 -5.37 -49.74
C ALA A 286 7.24 -5.03 -48.26
N VAL A 287 8.01 -4.07 -47.76
CA VAL A 287 7.89 -3.69 -46.37
C VAL A 287 6.54 -3.04 -46.15
N LYS A 288 6.17 -2.14 -47.03
CA LYS A 288 4.89 -1.46 -46.93
C LYS A 288 3.77 -2.48 -46.98
N ALA A 289 3.87 -3.43 -47.91
CA ALA A 289 2.84 -4.46 -48.03
C ALA A 289 2.69 -5.20 -46.70
N LEU A 290 3.82 -5.52 -46.08
CA LEU A 290 3.82 -6.22 -44.80
C LEU A 290 3.18 -5.36 -43.72
N ALA A 291 3.62 -4.10 -43.65
CA ALA A 291 3.11 -3.17 -42.66
C ALA A 291 1.59 -3.08 -42.70
N ASP A 292 1.05 -2.79 -43.88
CA ASP A 292 -0.40 -2.67 -44.06
C ASP A 292 -1.14 -3.92 -43.63
N ALA A 293 -0.62 -5.08 -43.99
CA ALA A 293 -1.24 -6.34 -43.60
C ALA A 293 -1.23 -6.47 -42.08
N LEU A 294 -0.10 -6.12 -41.47
CA LEU A 294 0.06 -6.20 -40.01
C LEU A 294 -0.75 -5.14 -39.26
N ALA A 295 -0.82 -3.94 -39.82
CA ALA A 295 -1.55 -2.84 -39.19
C ALA A 295 -3.03 -3.19 -39.06
N ARG A 296 -3.53 -3.98 -39.99
CA ARG A 296 -4.94 -4.39 -39.99
C ARG A 296 -5.27 -5.17 -38.72
N GLU A 297 -4.22 -5.69 -38.07
CA GLU A 297 -4.40 -6.46 -36.84
C GLU A 297 -4.81 -5.57 -35.67
N GLY A 298 -4.76 -4.25 -35.87
CA GLY A 298 -5.16 -3.34 -34.80
C GLY A 298 -4.09 -2.42 -34.24
N LEU A 299 -2.81 -2.75 -34.43
CA LEU A 299 -1.73 -1.92 -33.90
C LEU A 299 -0.93 -1.18 -34.97
N ALA A 300 -0.37 -0.03 -34.58
CA ALA A 300 0.45 0.75 -35.49
C ALA A 300 1.74 -0.04 -35.70
N VAL A 301 2.27 0.01 -36.91
CA VAL A 301 3.48 -0.73 -37.23
C VAL A 301 4.59 0.16 -37.77
N LEU A 302 5.77 0.03 -37.18
CA LEU A 302 6.92 0.83 -37.62
C LEU A 302 8.09 -0.05 -38.02
N PRO A 303 8.55 0.06 -39.27
CA PRO A 303 9.69 -0.72 -39.76
C PRO A 303 10.98 -0.15 -39.21
N VAL A 304 11.90 -1.03 -38.81
CA VAL A 304 13.16 -0.58 -38.25
C VAL A 304 14.35 -1.44 -38.68
N SER A 305 15.54 -0.84 -38.57
CA SER A 305 16.79 -1.49 -38.91
C SER A 305 17.87 -1.03 -37.94
N ALA A 306 18.50 -1.97 -37.25
CA ALA A 306 19.57 -1.62 -36.32
C ALA A 306 20.85 -1.27 -37.09
N LEU A 307 21.01 -1.86 -38.27
CA LEU A 307 22.20 -1.64 -39.10
C LEU A 307 22.24 -0.31 -39.86
N THR A 308 21.08 0.18 -40.28
CA THR A 308 21.00 1.45 -41.00
C THR A 308 20.49 2.58 -40.12
N GLY A 309 19.80 2.21 -39.04
CA GLY A 309 19.25 3.22 -38.15
C GLY A 309 17.90 3.66 -38.69
N ALA A 310 17.55 3.14 -39.87
CA ALA A 310 16.29 3.46 -40.53
C ALA A 310 15.07 3.13 -39.68
N GLY A 311 14.19 4.11 -39.52
CA GLY A 311 12.97 3.91 -38.76
C GLY A 311 13.06 4.06 -37.26
N LEU A 312 14.28 4.05 -36.72
CA LEU A 312 14.46 4.16 -35.28
C LEU A 312 13.96 5.50 -34.70
N PRO A 313 14.31 6.63 -35.36
CA PRO A 313 13.85 7.92 -34.84
C PRO A 313 12.33 7.91 -34.65
N ALA A 314 11.62 7.39 -35.65
CA ALA A 314 10.17 7.31 -35.59
C ALA A 314 9.69 6.38 -34.47
N LEU A 315 10.44 5.30 -34.22
CA LEU A 315 10.05 4.35 -33.18
C LEU A 315 10.19 4.95 -31.78
N LYS A 316 11.30 5.62 -31.52
CA LYS A 316 11.53 6.24 -30.22
C LYS A 316 10.46 7.26 -29.88
N GLU A 317 10.04 8.03 -30.89
CA GLU A 317 9.02 9.05 -30.67
C GLU A 317 7.64 8.47 -30.46
N ALA A 318 7.31 7.45 -31.23
CA ALA A 318 6.01 6.81 -31.10
C ALA A 318 5.89 6.16 -29.71
N LEU A 319 6.98 5.55 -29.23
CA LEU A 319 6.98 4.92 -27.90
C LEU A 319 6.84 6.00 -26.83
N HIS A 320 7.70 7.01 -26.92
CA HIS A 320 7.71 8.15 -25.99
C HIS A 320 6.30 8.69 -25.83
N ALA A 321 5.60 8.83 -26.95
CA ALA A 321 4.24 9.34 -26.96
C ALA A 321 3.28 8.38 -26.26
N LEU A 322 3.53 7.09 -26.41
CA LEU A 322 2.67 6.08 -25.79
C LEU A 322 2.90 6.02 -24.27
N VAL A 323 4.15 6.10 -23.85
CA VAL A 323 4.46 6.06 -22.43
C VAL A 323 3.86 7.27 -21.73
N ARG A 324 4.05 8.45 -22.33
CA ARG A 324 3.55 9.70 -21.77
C ARG A 324 2.02 9.72 -21.67
N SER A 325 1.36 8.86 -22.45
CA SER A 325 -0.09 8.80 -22.42
C SER A 325 -0.62 7.89 -21.33
N THR A 326 0.28 7.29 -20.56
CA THR A 326 -0.13 6.40 -19.47
C THR A 326 0.27 7.00 -18.14
N PRO A 327 -0.53 6.73 -17.09
CA PRO A 327 -0.21 7.27 -15.77
C PRO A 327 1.16 6.77 -15.31
N PRO A 328 2.01 7.67 -14.80
CA PRO A 328 3.34 7.29 -14.34
C PRO A 328 3.33 6.84 -12.87
N PRO A 329 4.42 6.23 -12.41
CA PRO A 329 4.51 5.78 -11.01
C PRO A 329 4.47 7.03 -10.13
N GLU A 330 3.80 6.98 -8.99
CA GLU A 330 3.73 8.15 -8.13
C GLU A 330 4.96 8.25 -7.24
N MET A 331 5.46 9.48 -7.03
CA MET A 331 6.63 9.70 -6.20
C MET A 331 6.26 9.74 -4.72
N PRO A 332 7.08 9.11 -3.87
CA PRO A 332 6.81 9.11 -2.42
C PRO A 332 6.82 10.54 -1.88
N LYS A 333 5.75 10.91 -1.17
CA LYS A 333 5.67 12.25 -0.61
C LYS A 333 6.54 12.40 0.64
N PRO A 334 6.94 13.66 0.96
CA PRO A 334 7.77 13.94 2.13
C PRO A 334 7.38 13.11 3.34
N VAL A 335 8.37 12.54 4.02
CA VAL A 335 8.12 11.72 5.19
C VAL A 335 6.97 12.28 6.03
N PRO A 336 7.01 13.59 6.35
CA PRO A 336 5.94 14.21 7.14
C PRO A 336 4.59 14.15 6.42
N GLN A 341 0.85 12.11 20.37
CA GLN A 341 2.09 12.58 20.99
C GLN A 341 1.89 12.81 22.48
N ALA A 342 3.01 12.81 23.21
CA ALA A 342 2.98 13.03 24.65
C ALA A 342 3.21 14.50 24.95
N GLY A 343 3.00 15.34 23.94
CA GLY A 343 3.19 16.77 24.11
C GLY A 343 2.10 17.38 24.98
N VAL A 344 2.44 18.40 25.74
CA VAL A 344 1.50 19.07 26.62
C VAL A 344 1.59 20.58 26.46
N GLU A 345 0.56 21.18 25.87
CA GLU A 345 0.53 22.63 25.66
C GLU A 345 -0.73 23.27 26.23
N VAL A 346 -0.52 24.29 27.07
CA VAL A 346 -1.61 25.03 27.69
C VAL A 346 -1.85 26.32 26.91
N VAL A 347 -3.01 26.43 26.28
CA VAL A 347 -3.35 27.61 25.48
C VAL A 347 -4.47 28.46 26.08
N PRO A 348 -4.20 29.75 26.32
CA PRO A 348 -5.21 30.65 26.88
C PRO A 348 -6.30 30.89 25.85
N VAL A 349 -7.56 30.83 26.28
CA VAL A 349 -8.68 31.04 25.38
C VAL A 349 -9.52 32.23 25.83
N ALA A 350 -9.27 32.67 27.06
CA ALA A 350 -9.98 33.80 27.65
C ALA A 350 -9.44 34.00 29.06
N GLU A 351 -9.89 35.05 29.72
CA GLU A 351 -9.45 35.34 31.08
C GLU A 351 -9.80 34.21 32.03
N GLY A 352 -8.77 33.60 32.63
CA GLY A 352 -8.98 32.52 33.57
C GLY A 352 -9.40 31.19 32.95
N VAL A 353 -9.28 31.07 31.63
CA VAL A 353 -9.67 29.85 30.95
C VAL A 353 -8.52 29.35 30.07
N TYR A 354 -8.05 28.13 30.34
CA TYR A 354 -6.95 27.54 29.59
C TYR A 354 -7.30 26.18 28.99
N GLU A 355 -7.11 26.06 27.68
CA GLU A 355 -7.39 24.82 26.99
C GLU A 355 -6.11 24.01 26.89
N VAL A 356 -6.14 22.77 27.38
CA VAL A 356 -4.96 21.92 27.34
C VAL A 356 -4.91 21.02 26.12
N ARG A 357 -3.80 21.11 25.39
CA ARG A 357 -3.58 20.31 24.20
C ARG A 357 -2.68 19.13 24.59
N ALA A 358 -3.22 17.93 24.50
CA ALA A 358 -2.49 16.72 24.86
C ALA A 358 -3.19 15.52 24.24
N PRO A 359 -2.93 15.26 22.94
CA PRO A 359 -3.49 14.17 22.15
C PRO A 359 -3.72 12.85 22.91
N GLU A 360 -2.67 12.30 23.49
CA GLU A 360 -2.79 11.04 24.22
C GLU A 360 -3.80 11.10 25.37
N VAL A 361 -3.71 12.17 26.17
CA VAL A 361 -4.60 12.35 27.31
C VAL A 361 -6.03 12.57 26.85
N GLU A 362 -6.21 13.38 25.82
CA GLU A 362 -7.54 13.66 25.30
C GLU A 362 -8.23 12.38 24.86
N ARG A 363 -7.51 11.52 24.15
CA ARG A 363 -8.08 10.26 23.70
C ARG A 363 -8.33 9.32 24.86
N TYR A 364 -7.47 9.37 25.88
CA TYR A 364 -7.65 8.50 27.03
C TYR A 364 -8.91 8.92 27.79
N LEU A 365 -9.07 10.21 28.02
CA LEU A 365 -10.23 10.74 28.73
C LEU A 365 -11.56 10.37 28.08
N ALA A 366 -11.55 10.19 26.77
CA ALA A 366 -12.78 9.86 26.08
C ALA A 366 -13.13 8.39 26.29
N ARG A 367 -12.22 7.65 26.89
CA ARG A 367 -12.44 6.23 27.13
C ARG A 367 -12.82 5.89 28.58
N ILE A 368 -12.91 6.89 29.45
CA ILE A 368 -13.28 6.63 30.83
C ILE A 368 -14.74 6.20 30.90
N LYS A 369 -14.95 4.99 31.39
CA LYS A 369 -16.29 4.40 31.49
C LYS A 369 -16.74 4.33 32.94
N GLY A 370 -18.04 4.50 33.17
CA GLY A 370 -18.56 4.42 34.51
C GLY A 370 -18.71 5.73 35.27
N ASP A 371 -18.41 5.68 36.56
CA ASP A 371 -18.54 6.84 37.44
C ASP A 371 -17.41 7.84 37.23
N LEU A 372 -17.69 8.89 36.47
CA LEU A 372 -16.68 9.92 36.17
C LEU A 372 -16.26 10.70 37.41
N MET A 373 -17.22 11.06 38.25
CA MET A 373 -16.91 11.79 39.46
C MET A 373 -15.95 11.01 40.34
N GLU A 374 -16.16 9.70 40.46
CA GLU A 374 -15.30 8.88 41.30
C GLU A 374 -13.90 8.73 40.75
N ALA A 375 -13.75 8.94 39.44
CA ALA A 375 -12.45 8.82 38.78
C ALA A 375 -11.61 10.09 38.89
N ALA A 376 -12.20 11.14 39.48
CA ALA A 376 -11.51 12.44 39.62
C ALA A 376 -10.10 12.30 40.18
N GLY A 377 -9.94 11.55 41.24
CA GLY A 377 -8.62 11.36 41.83
C GLY A 377 -7.68 10.75 40.82
N TYR A 378 -8.04 9.56 40.35
CA TYR A 378 -7.24 8.81 39.37
C TYR A 378 -6.80 9.65 38.20
N LEU A 379 -7.74 10.39 37.61
CA LEU A 379 -7.43 11.24 36.46
C LEU A 379 -6.43 12.33 36.83
N GLN A 380 -6.47 12.75 38.10
CA GLN A 380 -5.56 13.77 38.59
C GLN A 380 -4.16 13.14 38.62
N GLU A 381 -4.12 11.86 38.97
CA GLU A 381 -2.87 11.11 39.03
C GLU A 381 -2.29 11.00 37.63
N VAL A 382 -3.13 10.65 36.66
CA VAL A 382 -2.71 10.52 35.28
C VAL A 382 -2.20 11.87 34.76
N PHE A 383 -2.93 12.94 35.09
CA PHE A 383 -2.58 14.29 34.66
C PHE A 383 -1.19 14.73 35.12
N ARG A 384 -0.79 14.29 36.31
CA ARG A 384 0.50 14.65 36.85
C ARG A 384 1.59 13.85 36.15
N ARG A 385 1.41 12.53 36.11
CA ARG A 385 2.37 11.63 35.47
C ARG A 385 2.51 11.89 33.98
N GLN A 386 1.64 12.72 33.42
CA GLN A 386 1.68 13.03 32.00
C GLN A 386 2.13 14.46 31.76
N GLY A 387 2.56 15.13 32.82
CA GLY A 387 3.04 16.49 32.72
C GLY A 387 2.00 17.56 32.44
N VAL A 388 0.74 17.27 32.78
CA VAL A 388 -0.32 18.25 32.57
C VAL A 388 -0.25 19.30 33.68
N GLU A 389 -0.08 18.82 34.91
CA GLU A 389 0.00 19.69 36.06
C GLU A 389 1.20 20.64 35.94
N ALA A 390 2.29 20.12 35.41
CA ALA A 390 3.52 20.90 35.25
C ALA A 390 3.35 21.98 34.18
N ALA A 391 2.78 21.59 33.04
CA ALA A 391 2.57 22.53 31.94
C ALA A 391 1.64 23.67 32.35
N LEU A 392 0.77 23.41 33.33
CA LEU A 392 -0.19 24.40 33.83
C LEU A 392 0.49 25.29 34.86
N ARG A 393 1.23 24.66 35.77
CA ARG A 393 1.93 25.39 36.83
C ARG A 393 2.92 26.37 36.19
N ALA A 394 3.80 25.83 35.35
CA ALA A 394 4.81 26.63 34.69
C ALA A 394 4.21 27.58 33.66
N LYS A 395 2.89 27.54 33.50
CA LYS A 395 2.22 28.41 32.53
C LYS A 395 1.60 29.63 33.19
N GLY A 396 1.68 29.68 34.52
CA GLY A 396 1.12 30.82 35.22
C GLY A 396 -0.35 30.67 35.55
N VAL A 397 -0.97 29.58 35.09
CA VAL A 397 -2.37 29.34 35.38
C VAL A 397 -2.48 29.35 36.90
N ARG A 398 -3.34 30.20 37.43
CA ARG A 398 -3.47 30.31 38.88
C ARG A 398 -4.70 29.62 39.46
N ALA A 399 -4.64 29.35 40.77
CA ALA A 399 -5.72 28.70 41.49
C ALA A 399 -7.09 29.28 41.16
N GLY A 400 -8.06 28.40 40.93
CA GLY A 400 -9.40 28.84 40.63
C GLY A 400 -9.70 29.00 39.16
N ASP A 401 -8.68 28.94 38.32
CA ASP A 401 -8.89 29.08 36.88
C ASP A 401 -9.57 27.83 36.32
N LEU A 402 -10.19 27.98 35.16
CA LEU A 402 -10.87 26.87 34.50
C LEU A 402 -9.98 26.23 33.45
N VAL A 403 -9.86 24.90 33.50
CA VAL A 403 -9.05 24.16 32.53
C VAL A 403 -9.92 23.22 31.71
N ARG A 404 -9.86 23.35 30.39
CA ARG A 404 -10.62 22.51 29.48
C ARG A 404 -9.67 21.50 28.82
N ILE A 405 -10.03 20.23 28.87
CA ILE A 405 -9.22 19.18 28.26
C ILE A 405 -10.05 17.96 27.86
N GLY A 406 -9.92 17.56 26.60
CA GLY A 406 -10.64 16.41 26.09
C GLY A 406 -12.15 16.46 26.28
N GLY A 407 -12.71 17.66 26.23
CA GLY A 407 -14.16 17.79 26.40
C GLY A 407 -14.60 17.97 27.85
N LEU A 408 -13.70 17.75 28.80
CA LEU A 408 -14.04 17.91 30.22
C LEU A 408 -13.43 19.20 30.76
N GLU A 409 -13.91 19.65 31.91
CA GLU A 409 -13.41 20.87 32.53
C GLU A 409 -13.11 20.64 34.02
N PHE A 410 -12.11 21.33 34.54
CA PHE A 410 -11.79 21.20 35.96
C PHE A 410 -11.16 22.48 36.53
N GLU A 411 -11.38 22.72 37.82
CA GLU A 411 -10.84 23.91 38.46
C GLU A 411 -9.37 23.68 38.80
N TYR A 412 -8.48 24.48 38.23
CA TYR A 412 -7.05 24.31 38.53
C TYR A 412 -6.76 24.56 40.00
N ILE A 413 -6.06 23.62 40.61
CA ILE A 413 -5.68 23.72 42.01
C ILE A 413 -4.18 23.46 42.12
N PRO A 414 -3.38 24.53 42.32
CA PRO A 414 -1.92 24.41 42.45
C PRO A 414 -1.47 23.40 43.49
N GLU A 415 -0.18 23.05 43.44
CA GLU A 415 0.42 22.11 44.38
C GLU A 415 1.04 22.86 45.56
N VAL A 416 0.66 22.48 46.77
CA VAL A 416 1.18 23.13 47.97
C VAL A 416 2.52 22.53 48.38
#